data_1GR0
#
_entry.id   1GR0
#
_cell.length_a   116.195
_cell.length_b   116.195
_cell.length_c   64.544
_cell.angle_alpha   90.00
_cell.angle_beta   90.00
_cell.angle_gamma   90.00
#
_symmetry.space_group_name_H-M   'P 4 21 2'
#
loop_
_entity.id
_entity.type
_entity.pdbx_description
1 polymer 'INOSITOL-3-PHOSPHATE SYNTHASE'
2 non-polymer NICOTINAMIDE-ADENINE-DINUCLEOTIDE
3 non-polymer 'ZINC ION'
4 non-polymer 'CACODYLATE ION'
5 water water
#
_entity_poly.entity_id   1
_entity_poly.type   'polypeptide(L)'
_entity_poly.pdbx_seq_one_letter_code
;MSEHQSLPAPEASTEVRVAIVGVGNCASSLVQGVEYYYNADDTSTVPGLMHVRFGPYHVRDVKFVAAFDVDAKKVGFDLS
DAIFASENNTIKIADVAPTNVIVQRGPTLDGIGKYYADTIELSDAEPVDVVQALKEAKVDVLVSYLPVGSEEADKFYAQC
AIDAGVAFVNALPVFIASDPVWAKKFTDARVPIVGDDIKSQVGATITHRVLAKLFEDRGVQLDRTMQLNVGGNMDFLNML
ERERLESKKISKTQAVTSNLKREFKTKDVHIGPSDHVGWLDDRKWAYVRLEGRAFGDVPLNLEYKLEVWDSPNSAGVIID
AVRAAKIAKDRGIGGPVIPASAYLMKSPPEQLPDDIARAQLEEFIIG
;
_entity_poly.pdbx_strand_id   A
#
# COMPACT_ATOMS: atom_id res chain seq x y z
N THR A 14 -15.01 -6.85 -18.13
CA THR A 14 -13.64 -6.28 -18.18
C THR A 14 -13.29 -5.51 -16.91
N GLU A 15 -14.23 -5.46 -15.98
CA GLU A 15 -13.99 -4.72 -14.74
C GLU A 15 -13.25 -5.51 -13.65
N VAL A 16 -12.58 -4.79 -12.76
CA VAL A 16 -11.86 -5.39 -11.65
C VAL A 16 -12.59 -4.96 -10.38
N ARG A 17 -13.41 -5.87 -9.83
CA ARG A 17 -14.20 -5.58 -8.63
C ARG A 17 -13.27 -5.50 -7.41
N VAL A 18 -13.11 -4.29 -6.88
CA VAL A 18 -12.24 -4.07 -5.74
C VAL A 18 -12.93 -3.75 -4.42
N ALA A 19 -12.44 -4.35 -3.34
CA ALA A 19 -12.96 -4.09 -2.00
C ALA A 19 -11.78 -3.54 -1.19
N ILE A 20 -12.04 -2.57 -0.33
CA ILE A 20 -11.00 -1.96 0.47
C ILE A 20 -11.14 -2.20 1.98
N VAL A 21 -10.05 -2.65 2.61
CA VAL A 21 -10.06 -2.86 4.05
C VAL A 21 -9.24 -1.71 4.62
N GLY A 22 -9.91 -0.81 5.32
CA GLY A 22 -9.24 0.34 5.89
C GLY A 22 -9.34 1.54 4.95
N VAL A 23 -10.39 2.34 5.15
CA VAL A 23 -10.62 3.52 4.32
C VAL A 23 -9.86 4.72 4.90
N GLY A 24 -8.53 4.67 4.80
CA GLY A 24 -7.72 5.76 5.32
C GLY A 24 -7.14 6.60 4.21
N ASN A 25 -5.97 7.20 4.45
CA ASN A 25 -5.33 8.04 3.45
C ASN A 25 -4.99 7.28 2.17
N CYS A 26 -4.47 6.06 2.30
CA CYS A 26 -4.11 5.28 1.11
C CYS A 26 -5.35 4.95 0.30
N ALA A 27 -6.45 4.61 0.99
CA ALA A 27 -7.69 4.29 0.30
C ALA A 27 -8.16 5.53 -0.47
N SER A 28 -8.00 6.70 0.15
CA SER A 28 -8.39 7.95 -0.49
C SER A 28 -7.58 8.22 -1.75
N SER A 29 -6.26 8.02 -1.69
CA SER A 29 -5.42 8.24 -2.86
C SER A 29 -5.77 7.24 -3.97
N LEU A 30 -6.13 6.01 -3.59
CA LEU A 30 -6.49 4.99 -4.57
C LEU A 30 -7.78 5.34 -5.30
N VAL A 31 -8.84 5.64 -4.56
CA VAL A 31 -10.12 5.98 -5.17
C VAL A 31 -10.00 7.22 -6.02
N GLN A 32 -9.33 8.24 -5.50
CA GLN A 32 -9.13 9.48 -6.26
C GLN A 32 -8.26 9.22 -7.49
N GLY A 33 -7.26 8.34 -7.32
CA GLY A 33 -6.36 8.02 -8.41
C GLY A 33 -7.06 7.42 -9.60
N VAL A 34 -7.98 6.50 -9.35
CA VAL A 34 -8.71 5.88 -10.45
C VAL A 34 -9.53 6.95 -11.17
N GLU A 35 -10.14 7.85 -10.39
CA GLU A 35 -10.92 8.95 -10.94
C GLU A 35 -10.04 9.88 -11.77
N TYR A 36 -8.88 10.21 -11.23
CA TYR A 36 -7.95 11.11 -11.90
C TYR A 36 -7.52 10.63 -13.28
N TYR A 37 -7.25 9.34 -13.42
CA TYR A 37 -6.80 8.77 -14.68
C TYR A 37 -7.87 7.96 -15.40
N TYR A 38 -9.12 8.19 -15.03
CA TYR A 38 -10.23 7.47 -15.62
C TYR A 38 -10.27 7.59 -17.15
N ASN A 39 -9.82 8.73 -17.66
CA ASN A 39 -9.82 8.98 -19.11
C ASN A 39 -8.44 9.00 -19.74
N ALA A 40 -7.44 8.40 -19.08
CA ALA A 40 -6.09 8.41 -19.62
C ALA A 40 -5.94 7.59 -20.90
N ASP A 41 -5.07 8.06 -21.79
CA ASP A 41 -4.79 7.38 -23.05
C ASP A 41 -3.87 6.20 -22.73
N ASP A 42 -4.26 5.01 -23.17
CA ASP A 42 -3.46 3.82 -22.89
C ASP A 42 -2.15 3.71 -23.68
N THR A 43 -1.86 4.68 -24.54
CA THR A 43 -0.61 4.67 -25.30
C THR A 43 0.34 5.69 -24.71
N SER A 44 -0.10 6.36 -23.66
CA SER A 44 0.73 7.36 -22.99
C SER A 44 1.27 6.75 -21.71
N THR A 45 2.24 7.43 -21.10
CA THR A 45 2.82 6.97 -19.85
C THR A 45 2.43 7.93 -18.75
N VAL A 46 2.03 7.36 -17.61
CA VAL A 46 1.61 8.12 -16.46
C VAL A 46 2.56 7.87 -15.28
N PRO A 47 2.93 8.94 -14.56
CA PRO A 47 3.84 8.75 -13.42
C PRO A 47 3.23 7.78 -12.41
N GLY A 48 4.04 6.86 -11.89
CA GLY A 48 3.54 5.94 -10.90
C GLY A 48 2.80 4.72 -11.41
N LEU A 49 2.59 4.61 -12.71
CA LEU A 49 1.91 3.44 -13.27
C LEU A 49 2.76 2.78 -14.34
N MET A 50 2.87 1.47 -14.27
CA MET A 50 3.62 0.74 -15.28
C MET A 50 2.89 0.84 -16.62
N HIS A 51 1.56 0.78 -16.57
CA HIS A 51 0.74 0.86 -17.78
C HIS A 51 -0.63 1.46 -17.46
N VAL A 52 -1.09 2.37 -18.32
CA VAL A 52 -2.41 2.94 -18.12
C VAL A 52 -3.34 1.74 -18.26
N ARG A 53 -3.00 0.84 -19.18
CA ARG A 53 -3.77 -0.39 -19.39
C ARG A 53 -2.82 -1.55 -19.08
N PHE A 54 -3.04 -2.15 -17.91
CA PHE A 54 -2.24 -3.27 -17.40
C PHE A 54 -2.90 -4.54 -17.92
N GLY A 55 -2.28 -5.16 -18.93
CA GLY A 55 -2.88 -6.35 -19.51
C GLY A 55 -4.17 -5.87 -20.18
N PRO A 56 -5.31 -6.47 -19.86
CA PRO A 56 -6.55 -6.00 -20.50
C PRO A 56 -7.18 -4.86 -19.72
N TYR A 57 -6.73 -4.66 -18.49
CA TYR A 57 -7.30 -3.67 -17.59
C TYR A 57 -6.84 -2.22 -17.59
N HIS A 58 -7.74 -1.34 -18.02
CA HIS A 58 -7.48 0.08 -18.02
C HIS A 58 -7.72 0.51 -16.56
N VAL A 59 -7.11 1.62 -16.15
CA VAL A 59 -7.31 2.12 -14.79
C VAL A 59 -8.82 2.21 -14.51
N ARG A 60 -9.57 2.68 -15.50
CA ARG A 60 -11.02 2.84 -15.36
C ARG A 60 -11.76 1.53 -15.08
N ASP A 61 -11.15 0.40 -15.41
CA ASP A 61 -11.80 -0.90 -15.18
C ASP A 61 -11.81 -1.23 -13.69
N VAL A 62 -11.06 -0.46 -12.91
CA VAL A 62 -11.01 -0.69 -11.47
C VAL A 62 -12.27 -0.09 -10.85
N LYS A 63 -13.15 -0.95 -10.35
CA LYS A 63 -14.40 -0.51 -9.74
C LYS A 63 -14.42 -0.88 -8.24
N PHE A 64 -14.74 0.10 -7.41
CA PHE A 64 -14.80 -0.15 -5.98
C PHE A 64 -16.21 -0.64 -5.64
N VAL A 65 -16.30 -1.87 -5.15
CA VAL A 65 -17.60 -2.46 -4.86
C VAL A 65 -17.89 -2.73 -3.38
N ALA A 66 -16.89 -2.57 -2.53
CA ALA A 66 -17.09 -2.81 -1.11
C ALA A 66 -15.93 -2.22 -0.32
N ALA A 67 -16.18 -1.95 0.96
CA ALA A 67 -15.16 -1.38 1.83
C ALA A 67 -15.51 -1.70 3.28
N PHE A 68 -14.47 -1.78 4.12
CA PHE A 68 -14.65 -2.11 5.52
C PHE A 68 -13.82 -1.18 6.41
N ASP A 69 -14.41 -0.76 7.52
CA ASP A 69 -13.67 0.09 8.47
C ASP A 69 -14.26 -0.12 9.86
N VAL A 70 -13.76 0.64 10.83
CA VAL A 70 -14.24 0.52 12.22
C VAL A 70 -14.55 1.86 12.85
N ASP A 71 -14.23 2.93 12.13
CA ASP A 71 -14.44 4.30 12.60
C ASP A 71 -15.91 4.71 12.45
N ALA A 72 -16.46 5.29 13.51
CA ALA A 72 -17.85 5.73 13.53
C ALA A 72 -18.14 6.78 12.45
N LYS A 73 -17.11 7.50 12.00
CA LYS A 73 -17.31 8.52 10.98
C LYS A 73 -17.16 7.97 9.57
N LYS A 74 -16.95 6.66 9.45
CA LYS A 74 -16.77 6.04 8.14
C LYS A 74 -17.78 4.92 7.88
N VAL A 75 -17.95 4.03 8.84
CA VAL A 75 -18.89 2.93 8.71
C VAL A 75 -20.30 3.49 8.49
N GLY A 76 -21.01 2.99 7.48
CA GLY A 76 -22.35 3.47 7.20
C GLY A 76 -22.38 4.60 6.20
N PHE A 77 -21.21 5.15 5.89
CA PHE A 77 -21.12 6.25 4.91
C PHE A 77 -20.71 5.74 3.54
N ASP A 78 -21.10 6.46 2.49
CA ASP A 78 -20.74 6.11 1.14
C ASP A 78 -19.21 6.22 1.06
N LEU A 79 -18.59 5.35 0.28
CA LEU A 79 -17.14 5.35 0.14
C LEU A 79 -16.60 6.74 -0.25
N SER A 80 -17.32 7.41 -1.14
CA SER A 80 -16.93 8.74 -1.61
C SER A 80 -16.81 9.77 -0.49
N ASP A 81 -17.55 9.58 0.59
CA ASP A 81 -17.46 10.49 1.72
C ASP A 81 -16.45 9.96 2.72
N ALA A 82 -16.51 8.65 2.96
CA ALA A 82 -15.62 8.01 3.91
C ALA A 82 -14.13 8.29 3.63
N ILE A 83 -13.75 8.41 2.36
CA ILE A 83 -12.34 8.67 2.03
C ILE A 83 -11.87 10.06 2.48
N PHE A 84 -12.82 10.96 2.75
CA PHE A 84 -12.48 12.31 3.17
C PHE A 84 -12.92 12.57 4.60
N ALA A 85 -13.23 11.51 5.33
CA ALA A 85 -13.72 11.63 6.70
C ALA A 85 -12.68 11.38 7.79
N SER A 86 -13.09 11.69 9.01
CA SER A 86 -12.27 11.49 10.19
C SER A 86 -10.91 12.16 10.07
N GLU A 87 -9.85 11.41 10.28
CA GLU A 87 -8.50 11.96 10.21
C GLU A 87 -7.86 11.93 8.82
N ASN A 88 -8.58 11.41 7.83
CA ASN A 88 -8.03 11.38 6.48
C ASN A 88 -7.67 12.82 6.12
N ASN A 89 -6.49 13.00 5.51
CA ASN A 89 -6.03 14.33 5.18
C ASN A 89 -5.01 14.40 4.05
N THR A 90 -5.08 13.46 3.11
CA THR A 90 -4.13 13.50 2.01
C THR A 90 -4.55 14.55 0.99
N ILE A 91 -3.67 14.85 0.04
CA ILE A 91 -3.94 15.86 -0.98
C ILE A 91 -5.09 15.45 -1.88
N LYS A 92 -6.00 16.38 -2.17
CA LYS A 92 -7.12 16.06 -3.03
C LYS A 92 -6.77 16.35 -4.49
N ILE A 93 -6.72 15.29 -5.30
CA ILE A 93 -6.39 15.45 -6.71
C ILE A 93 -7.61 15.31 -7.62
N ALA A 94 -8.71 14.77 -7.10
CA ALA A 94 -9.90 14.63 -7.92
C ALA A 94 -11.19 14.48 -7.11
N ASP A 95 -12.27 15.03 -7.65
CA ASP A 95 -13.58 14.94 -7.02
C ASP A 95 -14.05 13.51 -7.19
N VAL A 96 -14.72 12.95 -6.18
CA VAL A 96 -15.23 11.60 -6.27
C VAL A 96 -16.75 11.59 -6.03
N ALA A 97 -17.50 11.29 -7.08
CA ALA A 97 -18.96 11.25 -6.99
C ALA A 97 -19.43 10.09 -6.15
N PRO A 98 -20.65 10.18 -5.59
CA PRO A 98 -21.20 9.09 -4.77
C PRO A 98 -21.00 7.76 -5.50
N THR A 99 -20.56 6.75 -4.76
CA THR A 99 -20.32 5.43 -5.34
C THR A 99 -21.45 4.45 -5.05
N ASN A 100 -22.27 4.78 -4.05
CA ASN A 100 -23.38 3.92 -3.64
C ASN A 100 -22.84 2.68 -2.91
N VAL A 101 -21.55 2.71 -2.59
CA VAL A 101 -20.94 1.62 -1.85
C VAL A 101 -20.89 2.10 -0.41
N ILE A 102 -21.61 1.42 0.47
CA ILE A 102 -21.65 1.81 1.87
C ILE A 102 -20.59 1.05 2.66
N VAL A 103 -19.77 1.77 3.40
CA VAL A 103 -18.71 1.17 4.21
C VAL A 103 -19.29 0.29 5.31
N GLN A 104 -18.88 -0.97 5.33
CA GLN A 104 -19.38 -1.91 6.32
C GLN A 104 -18.46 -2.03 7.54
N ARG A 105 -19.02 -2.51 8.64
CA ARG A 105 -18.29 -2.67 9.87
C ARG A 105 -17.48 -3.96 9.89
N GLY A 106 -16.17 -3.82 9.92
CA GLY A 106 -15.33 -5.00 9.98
C GLY A 106 -14.93 -5.23 11.42
N PRO A 107 -14.39 -6.40 11.76
CA PRO A 107 -13.96 -6.69 13.13
C PRO A 107 -12.70 -5.87 13.43
N THR A 108 -12.67 -5.17 14.56
CA THR A 108 -11.52 -4.35 14.91
C THR A 108 -10.25 -5.14 15.19
N LEU A 109 -10.38 -6.20 15.97
CA LEU A 109 -9.25 -7.03 16.35
C LEU A 109 -8.11 -6.13 16.84
N ASP A 110 -6.93 -6.25 16.25
CA ASP A 110 -5.81 -5.43 16.69
C ASP A 110 -5.49 -4.30 15.72
N GLY A 111 -6.50 -3.81 15.02
CA GLY A 111 -6.27 -2.74 14.07
C GLY A 111 -6.26 -1.34 14.65
N ILE A 112 -6.65 -1.21 15.92
CA ILE A 112 -6.71 0.09 16.57
C ILE A 112 -5.89 0.18 17.86
N GLY A 113 -4.71 0.78 17.76
CA GLY A 113 -3.86 0.93 18.93
C GLY A 113 -4.30 2.05 19.86
N LYS A 114 -3.51 2.29 20.91
CA LYS A 114 -3.82 3.32 21.89
C LYS A 114 -3.97 4.72 21.29
N TYR A 115 -3.01 5.12 20.47
CA TYR A 115 -3.04 6.43 19.83
C TYR A 115 -4.28 6.59 18.95
N TYR A 116 -4.60 5.56 18.18
CA TYR A 116 -5.77 5.61 17.32
C TYR A 116 -7.04 5.65 18.18
N ALA A 117 -7.15 4.74 19.12
CA ALA A 117 -8.32 4.66 20.00
C ALA A 117 -8.58 6.00 20.70
N ASP A 118 -7.53 6.71 21.06
CA ASP A 118 -7.70 7.99 21.73
C ASP A 118 -8.05 9.09 20.74
N THR A 119 -7.91 8.79 19.45
CA THR A 119 -8.20 9.77 18.42
C THR A 119 -9.58 9.60 17.77
N ILE A 120 -10.03 8.37 17.60
CA ILE A 120 -11.33 8.15 16.97
C ILE A 120 -12.31 7.37 17.86
N GLU A 121 -13.56 7.33 17.43
CA GLU A 121 -14.61 6.60 18.15
C GLU A 121 -15.00 5.41 17.27
N LEU A 122 -14.98 4.22 17.84
CA LEU A 122 -15.35 3.02 17.08
C LEU A 122 -16.84 3.01 16.81
N SER A 123 -17.20 2.51 15.63
CA SER A 123 -18.60 2.42 15.23
C SER A 123 -19.38 1.48 16.14
N ASP A 124 -20.61 1.88 16.46
CA ASP A 124 -21.50 1.09 17.31
C ASP A 124 -22.05 -0.13 16.58
N ALA A 125 -21.99 -0.10 15.25
CA ALA A 125 -22.49 -1.21 14.45
C ALA A 125 -21.78 -2.52 14.78
N GLU A 126 -22.49 -3.62 14.58
CA GLU A 126 -21.94 -4.95 14.83
C GLU A 126 -21.09 -5.37 13.65
N PRO A 127 -19.90 -5.93 13.91
CA PRO A 127 -19.05 -6.35 12.81
C PRO A 127 -19.80 -7.37 11.95
N VAL A 128 -19.71 -7.23 10.64
CA VAL A 128 -20.41 -8.13 9.72
C VAL A 128 -19.60 -9.40 9.46
N ASP A 129 -20.19 -10.31 8.69
CA ASP A 129 -19.53 -11.56 8.30
C ASP A 129 -18.80 -11.17 7.03
N VAL A 130 -17.51 -10.91 7.16
CA VAL A 130 -16.70 -10.49 6.02
C VAL A 130 -16.71 -11.43 4.82
N VAL A 131 -16.63 -12.73 5.07
CA VAL A 131 -16.65 -13.69 3.96
C VAL A 131 -17.93 -13.54 3.15
N GLN A 132 -19.07 -13.52 3.85
CA GLN A 132 -20.35 -13.37 3.17
C GLN A 132 -20.40 -12.04 2.43
N ALA A 133 -19.93 -10.97 3.08
CA ALA A 133 -19.92 -9.65 2.46
C ALA A 133 -19.11 -9.65 1.14
N LEU A 134 -17.95 -10.32 1.16
CA LEU A 134 -17.13 -10.40 -0.04
C LEU A 134 -17.87 -11.13 -1.16
N LYS A 135 -18.47 -12.28 -0.82
CA LYS A 135 -19.20 -13.06 -1.81
C LYS A 135 -20.38 -12.27 -2.38
N GLU A 136 -21.17 -11.67 -1.49
CA GLU A 136 -22.33 -10.90 -1.95
C GLU A 136 -21.96 -9.77 -2.89
N ALA A 137 -20.78 -9.18 -2.70
CA ALA A 137 -20.32 -8.09 -3.54
C ALA A 137 -19.54 -8.60 -4.76
N LYS A 138 -19.35 -9.91 -4.85
CA LYS A 138 -18.62 -10.51 -5.96
C LYS A 138 -17.28 -9.81 -6.17
N VAL A 139 -16.52 -9.69 -5.09
CA VAL A 139 -15.22 -9.05 -5.13
C VAL A 139 -14.18 -9.90 -5.84
N ASP A 140 -13.29 -9.25 -6.59
CA ASP A 140 -12.20 -9.94 -7.28
C ASP A 140 -10.91 -9.76 -6.49
N VAL A 141 -10.70 -8.54 -6.01
CA VAL A 141 -9.50 -8.22 -5.25
C VAL A 141 -9.77 -7.39 -4.00
N LEU A 142 -9.21 -7.83 -2.89
CA LEU A 142 -9.34 -7.13 -1.63
C LEU A 142 -7.99 -6.50 -1.32
N VAL A 143 -7.99 -5.18 -1.12
CA VAL A 143 -6.76 -4.47 -0.79
C VAL A 143 -6.79 -4.14 0.69
N SER A 144 -5.75 -4.54 1.42
CA SER A 144 -5.70 -4.28 2.84
C SER A 144 -4.81 -3.10 3.25
N TYR A 145 -5.42 -2.10 3.88
CA TYR A 145 -4.73 -0.90 4.35
C TYR A 145 -4.77 -0.77 5.87
N LEU A 146 -4.77 -1.90 6.55
CA LEU A 146 -4.79 -1.92 8.02
C LEU A 146 -3.55 -1.19 8.55
N PRO A 147 -3.65 -0.61 9.75
CA PRO A 147 -2.51 0.10 10.34
C PRO A 147 -1.36 -0.86 10.66
N VAL A 148 -0.14 -0.34 10.71
CA VAL A 148 1.01 -1.18 11.04
C VAL A 148 0.76 -1.85 12.38
N GLY A 149 1.16 -3.11 12.51
CA GLY A 149 0.98 -3.83 13.76
C GLY A 149 -0.28 -4.67 13.86
N SER A 150 -1.19 -4.52 12.90
CA SER A 150 -2.44 -5.26 12.92
C SER A 150 -2.31 -6.68 12.37
N GLU A 151 -1.47 -7.50 13.01
CA GLU A 151 -1.26 -8.85 12.54
C GLU A 151 -2.49 -9.76 12.55
N GLU A 152 -3.20 -9.81 13.68
CA GLU A 152 -4.38 -10.64 13.78
C GLU A 152 -5.43 -10.16 12.77
N ALA A 153 -5.61 -8.85 12.67
CA ALA A 153 -6.60 -8.28 11.76
C ALA A 153 -6.26 -8.55 10.29
N ASP A 154 -5.00 -8.39 9.92
CA ASP A 154 -4.60 -8.61 8.54
C ASP A 154 -4.71 -10.09 8.16
N LYS A 155 -4.36 -10.97 9.08
CA LYS A 155 -4.45 -12.39 8.80
C LYS A 155 -5.92 -12.82 8.77
N PHE A 156 -6.76 -12.14 9.55
CA PHE A 156 -8.17 -12.46 9.56
C PHE A 156 -8.75 -12.13 8.18
N TYR A 157 -8.47 -10.93 7.69
CA TYR A 157 -8.96 -10.49 6.39
C TYR A 157 -8.37 -11.34 5.27
N ALA A 158 -7.11 -11.74 5.42
CA ALA A 158 -6.46 -12.58 4.42
C ALA A 158 -7.24 -13.90 4.33
N GLN A 159 -7.58 -14.45 5.50
CA GLN A 159 -8.34 -15.69 5.57
C GLN A 159 -9.70 -15.56 4.90
N CYS A 160 -10.40 -14.46 5.15
CA CYS A 160 -11.70 -14.25 4.54
C CYS A 160 -11.54 -14.25 3.02
N ALA A 161 -10.51 -13.57 2.55
CA ALA A 161 -10.22 -13.48 1.12
C ALA A 161 -10.07 -14.89 0.54
N ILE A 162 -9.24 -15.70 1.20
CA ILE A 162 -9.04 -17.07 0.76
C ILE A 162 -10.38 -17.80 0.71
N ASP A 163 -11.15 -17.72 1.79
CA ASP A 163 -12.44 -18.39 1.87
C ASP A 163 -13.45 -17.93 0.81
N ALA A 164 -13.40 -16.67 0.44
CA ALA A 164 -14.32 -16.13 -0.55
C ALA A 164 -13.77 -16.26 -1.98
N GLY A 165 -12.55 -16.77 -2.11
CA GLY A 165 -11.95 -16.92 -3.42
C GLY A 165 -11.60 -15.56 -4.01
N VAL A 166 -11.19 -14.64 -3.14
CA VAL A 166 -10.85 -13.28 -3.56
C VAL A 166 -9.35 -13.04 -3.46
N ALA A 167 -8.77 -12.46 -4.52
CA ALA A 167 -7.35 -12.16 -4.53
C ALA A 167 -7.07 -11.12 -3.44
N PHE A 168 -5.89 -11.22 -2.84
CA PHE A 168 -5.48 -10.34 -1.75
C PHE A 168 -4.25 -9.49 -2.07
N VAL A 169 -4.33 -8.19 -1.77
CA VAL A 169 -3.19 -7.29 -1.96
C VAL A 169 -2.88 -6.75 -0.56
N ASN A 170 -1.76 -7.22 0.01
CA ASN A 170 -1.34 -6.85 1.35
C ASN A 170 -0.42 -5.63 1.35
N ALA A 171 -0.98 -4.47 1.64
CA ALA A 171 -0.21 -3.24 1.60
C ALA A 171 0.63 -2.90 2.84
N LEU A 172 0.36 -3.56 3.97
CA LEU A 172 1.11 -3.28 5.20
C LEU A 172 2.15 -4.32 5.56
N PRO A 173 3.12 -3.95 6.42
CA PRO A 173 4.18 -4.88 6.82
C PRO A 173 3.80 -6.02 7.77
N VAL A 174 2.84 -6.84 7.37
CA VAL A 174 2.44 -8.01 8.14
C VAL A 174 2.80 -9.12 7.16
N PHE A 175 3.64 -10.05 7.59
CA PHE A 175 4.08 -11.10 6.70
C PHE A 175 3.03 -12.17 6.44
N ILE A 176 2.58 -12.21 5.18
CA ILE A 176 1.58 -13.17 4.76
C ILE A 176 2.07 -13.79 3.46
N ALA A 177 2.19 -12.97 2.41
CA ALA A 177 2.68 -13.47 1.13
C ALA A 177 4.11 -13.95 1.32
N SER A 178 4.84 -13.31 2.23
CA SER A 178 6.23 -13.68 2.48
C SER A 178 6.40 -14.72 3.59
N ASP A 179 5.29 -15.25 4.09
CA ASP A 179 5.34 -16.29 5.13
C ASP A 179 4.94 -17.59 4.41
N PRO A 180 5.90 -18.50 4.24
CA PRO A 180 5.65 -19.79 3.56
C PRO A 180 4.33 -20.43 3.94
N VAL A 181 3.97 -20.36 5.22
CA VAL A 181 2.73 -20.95 5.70
C VAL A 181 1.51 -20.32 5.01
N TRP A 182 1.48 -19.00 4.93
CA TRP A 182 0.37 -18.30 4.30
C TRP A 182 0.44 -18.40 2.78
N ALA A 183 1.65 -18.43 2.24
CA ALA A 183 1.81 -18.54 0.80
C ALA A 183 1.14 -19.85 0.35
N LYS A 184 1.32 -20.90 1.15
CA LYS A 184 0.75 -22.21 0.85
C LYS A 184 -0.77 -22.24 0.95
N LYS A 185 -1.33 -21.49 1.89
CA LYS A 185 -2.77 -21.44 2.07
C LYS A 185 -3.42 -20.86 0.82
N PHE A 186 -2.85 -19.77 0.32
CA PHE A 186 -3.37 -19.14 -0.90
C PHE A 186 -3.17 -20.07 -2.08
N THR A 187 -1.97 -20.65 -2.19
CA THR A 187 -1.69 -21.56 -3.29
C THR A 187 -2.69 -22.71 -3.33
N ASP A 188 -2.86 -23.38 -2.21
CA ASP A 188 -3.77 -24.52 -2.12
C ASP A 188 -5.21 -24.16 -2.42
N ALA A 189 -5.60 -22.90 -2.18
CA ALA A 189 -6.96 -22.47 -2.44
C ALA A 189 -7.12 -21.90 -3.85
N ARG A 190 -6.00 -21.79 -4.56
CA ARG A 190 -6.02 -21.24 -5.92
C ARG A 190 -6.37 -19.76 -5.90
N VAL A 191 -5.99 -19.08 -4.82
CA VAL A 191 -6.27 -17.65 -4.69
C VAL A 191 -4.95 -16.90 -4.75
N PRO A 192 -4.85 -15.87 -5.61
CA PRO A 192 -3.63 -15.09 -5.74
C PRO A 192 -3.43 -14.09 -4.60
N ILE A 193 -2.17 -13.79 -4.33
CA ILE A 193 -1.84 -12.80 -3.32
C ILE A 193 -0.59 -12.06 -3.77
N VAL A 194 -0.65 -10.73 -3.69
CA VAL A 194 0.49 -9.90 -4.04
C VAL A 194 0.76 -9.22 -2.71
N GLY A 195 1.95 -9.34 -2.15
CA GLY A 195 2.08 -8.64 -0.91
C GLY A 195 3.23 -8.51 0.03
N ASP A 196 2.85 -7.85 1.12
CA ASP A 196 3.68 -7.54 2.25
C ASP A 196 4.47 -6.25 2.03
N ASP A 197 3.79 -5.16 2.40
CA ASP A 197 4.34 -3.81 2.35
C ASP A 197 4.48 -3.21 0.97
N ILE A 198 3.47 -2.45 0.56
CA ILE A 198 3.48 -1.82 -0.76
C ILE A 198 4.60 -0.79 -0.87
N LYS A 199 5.24 -0.76 -2.03
CA LYS A 199 6.33 0.19 -2.25
C LYS A 199 5.80 1.59 -2.51
N SER A 200 6.71 2.56 -2.40
CA SER A 200 6.41 3.95 -2.69
C SER A 200 7.25 4.18 -3.93
N GLN A 201 6.93 5.19 -4.72
CA GLN A 201 7.72 5.45 -5.91
C GLN A 201 9.10 5.89 -5.41
N VAL A 202 9.17 7.09 -4.85
CA VAL A 202 10.42 7.59 -4.29
C VAL A 202 10.19 8.01 -2.86
N GLY A 203 10.64 7.17 -1.93
CA GLY A 203 10.49 7.47 -0.52
C GLY A 203 11.87 7.55 0.11
N ALA A 204 11.92 7.75 1.42
CA ALA A 204 13.19 7.86 2.13
C ALA A 204 14.05 6.61 2.02
N THR A 205 13.44 5.45 2.20
CA THR A 205 14.18 4.18 2.14
C THR A 205 14.97 4.01 0.84
N ILE A 206 14.30 4.06 -0.30
CA ILE A 206 14.99 3.87 -1.57
C ILE A 206 16.01 4.97 -1.85
N THR A 207 15.70 6.19 -1.46
CA THR A 207 16.63 7.30 -1.68
C THR A 207 17.91 7.06 -0.89
N HIS A 208 17.78 6.64 0.36
CA HIS A 208 18.94 6.38 1.18
C HIS A 208 19.72 5.18 0.65
N ARG A 209 18.99 4.18 0.16
CA ARG A 209 19.63 2.98 -0.40
C ARG A 209 20.51 3.35 -1.58
N VAL A 210 19.93 4.07 -2.53
CA VAL A 210 20.67 4.49 -3.73
C VAL A 210 21.92 5.29 -3.40
N LEU A 211 21.80 6.25 -2.48
CA LEU A 211 22.93 7.08 -2.11
C LEU A 211 24.00 6.31 -1.33
N ALA A 212 23.57 5.42 -0.43
CA ALA A 212 24.50 4.61 0.34
C ALA A 212 25.29 3.75 -0.64
N LYS A 213 24.60 3.24 -1.66
CA LYS A 213 25.23 2.41 -2.68
C LYS A 213 26.22 3.25 -3.48
N LEU A 214 25.85 4.49 -3.75
CA LEU A 214 26.70 5.41 -4.50
C LEU A 214 28.04 5.54 -3.76
N PHE A 215 27.97 5.87 -2.47
CA PHE A 215 29.17 6.02 -1.66
C PHE A 215 30.05 4.78 -1.78
N GLU A 216 29.45 3.63 -1.49
CA GLU A 216 30.11 2.34 -1.54
C GLU A 216 30.77 2.08 -2.90
N ASP A 217 30.01 2.22 -3.98
CA ASP A 217 30.55 1.98 -5.31
C ASP A 217 31.69 2.94 -5.69
N ARG A 218 31.69 4.13 -5.12
CA ARG A 218 32.72 5.11 -5.44
C ARG A 218 33.89 5.15 -4.44
N GLY A 219 33.94 4.16 -3.55
CA GLY A 219 35.03 4.08 -2.58
C GLY A 219 35.00 5.07 -1.43
N VAL A 220 33.80 5.54 -1.06
CA VAL A 220 33.67 6.46 0.06
C VAL A 220 33.05 5.65 1.21
N GLN A 221 33.76 5.59 2.33
CA GLN A 221 33.30 4.84 3.49
C GLN A 221 32.24 5.62 4.27
N LEU A 222 31.03 5.09 4.34
CA LEU A 222 29.97 5.74 5.08
C LEU A 222 30.17 5.41 6.56
N ASP A 223 30.54 6.40 7.36
CA ASP A 223 30.78 6.19 8.78
C ASP A 223 29.54 6.35 9.66
N ARG A 224 28.78 7.40 9.42
CA ARG A 224 27.58 7.68 10.21
C ARG A 224 26.43 8.14 9.34
N THR A 225 25.22 7.79 9.73
CA THR A 225 24.04 8.19 8.98
C THR A 225 22.86 8.42 9.92
N MET A 226 22.06 9.44 9.59
CA MET A 226 20.89 9.79 10.36
C MET A 226 19.72 10.04 9.43
N GLN A 227 18.56 9.52 9.81
CA GLN A 227 17.34 9.72 9.02
C GLN A 227 16.19 10.11 9.94
N LEU A 228 15.75 11.36 9.81
CA LEU A 228 14.66 11.88 10.62
C LEU A 228 13.42 12.01 9.76
N ASN A 229 12.31 11.47 10.24
CA ASN A 229 11.06 11.53 9.49
C ASN A 229 9.98 12.21 10.30
N VAL A 230 9.22 13.08 9.64
CA VAL A 230 8.12 13.76 10.29
C VAL A 230 6.93 13.71 9.36
N GLY A 231 5.74 13.59 9.95
CA GLY A 231 4.52 13.51 9.15
C GLY A 231 3.36 13.97 9.98
N GLY A 232 2.17 14.00 9.37
CA GLY A 232 1.00 14.44 10.11
C GLY A 232 -0.25 13.60 9.95
N ASN A 233 -0.10 12.31 9.65
CA ASN A 233 -1.27 11.45 9.51
C ASN A 233 -1.31 10.34 10.55
N MET A 234 -2.39 9.56 10.55
CA MET A 234 -2.53 8.47 11.51
C MET A 234 -1.53 7.34 11.32
N ASP A 235 -1.07 7.14 10.09
CA ASP A 235 -0.10 6.09 9.83
C ASP A 235 1.16 6.47 10.62
N PHE A 236 1.54 7.73 10.54
CA PHE A 236 2.71 8.23 11.22
C PHE A 236 2.51 8.18 12.73
N LEU A 237 1.35 8.63 13.18
CA LEU A 237 1.03 8.63 14.61
C LEU A 237 1.11 7.21 15.15
N ASN A 238 0.53 6.28 14.39
CA ASN A 238 0.49 4.87 14.75
C ASN A 238 1.89 4.27 14.86
N MET A 239 2.78 4.63 13.94
CA MET A 239 4.14 4.10 13.96
C MET A 239 4.98 4.63 15.10
N LEU A 240 4.59 5.76 15.65
CA LEU A 240 5.31 6.35 16.79
C LEU A 240 5.06 5.50 18.03
N GLU A 241 3.91 4.86 18.08
CA GLU A 241 3.54 4.01 19.21
C GLU A 241 4.40 2.75 19.25
N ASP A 268 27.51 5.26 13.53
CA ASP A 268 26.44 4.26 13.49
C ASP A 268 25.26 4.72 12.62
N VAL A 269 24.14 4.00 12.75
CA VAL A 269 22.95 4.31 11.97
C VAL A 269 21.74 4.67 12.83
N HIS A 270 20.94 5.61 12.32
CA HIS A 270 19.71 6.03 12.99
C HIS A 270 18.61 6.13 11.95
N ILE A 271 17.41 5.66 12.31
CA ILE A 271 16.28 5.69 11.39
C ILE A 271 14.95 5.37 12.09
N GLY A 272 13.87 5.96 11.59
CA GLY A 272 12.56 5.72 12.18
C GLY A 272 11.71 6.97 12.29
N PRO A 273 10.41 6.83 12.60
CA PRO A 273 9.51 7.98 12.73
C PRO A 273 10.02 8.86 13.85
N SER A 274 10.24 10.14 13.56
CA SER A 274 10.76 11.05 14.56
C SER A 274 9.70 11.84 15.33
N ASP A 275 8.89 12.61 14.62
CA ASP A 275 7.88 13.42 15.29
C ASP A 275 6.64 13.70 14.43
N HIS A 276 5.47 13.66 15.07
CA HIS A 276 4.22 13.93 14.39
C HIS A 276 4.01 15.44 14.33
N VAL A 277 3.89 15.99 13.12
CA VAL A 277 3.68 17.42 12.94
C VAL A 277 2.31 17.63 12.29
N GLY A 278 1.34 17.95 13.13
CA GLY A 278 -0.02 18.16 12.68
C GLY A 278 -0.28 18.79 11.32
N TRP A 279 0.18 20.02 11.11
CA TRP A 279 -0.07 20.69 9.84
C TRP A 279 0.54 20.07 8.59
N LEU A 280 1.41 19.07 8.75
CA LEU A 280 1.99 18.39 7.59
C LEU A 280 0.93 17.53 6.91
N ASP A 281 -0.06 17.10 7.68
CA ASP A 281 -1.12 16.24 7.15
C ASP A 281 -0.50 14.96 6.59
N ASP A 282 -0.91 14.56 5.39
CA ASP A 282 -0.39 13.34 4.77
C ASP A 282 1.03 13.45 4.21
N ARG A 283 1.60 14.64 4.25
CA ARG A 283 2.95 14.83 3.76
C ARG A 283 3.95 14.20 4.72
N LYS A 284 5.09 13.77 4.17
CA LYS A 284 6.15 13.18 4.99
C LYS A 284 7.47 13.81 4.53
N TRP A 285 8.20 14.36 5.48
CA TRP A 285 9.47 14.99 5.19
C TRP A 285 10.56 14.17 5.84
N ALA A 286 11.59 13.86 5.06
CA ALA A 286 12.70 13.10 5.58
C ALA A 286 13.96 13.94 5.52
N TYR A 287 14.59 14.11 6.68
CA TYR A 287 15.83 14.86 6.79
C TYR A 287 16.89 13.79 6.97
N VAL A 288 17.82 13.72 6.03
CA VAL A 288 18.86 12.69 6.09
C VAL A 288 20.26 13.25 5.95
N ARG A 289 21.20 12.69 6.71
CA ARG A 289 22.59 13.11 6.63
C ARG A 289 23.51 11.91 6.57
N LEU A 290 24.42 11.93 5.60
CA LEU A 290 25.39 10.87 5.43
C LEU A 290 26.76 11.47 5.64
N GLU A 291 27.57 10.85 6.50
CA GLU A 291 28.91 11.35 6.76
C GLU A 291 29.89 10.24 6.42
N GLY A 292 30.82 10.53 5.52
CA GLY A 292 31.78 9.53 5.13
C GLY A 292 33.20 10.02 5.01
N ARG A 293 34.09 9.13 4.60
CA ARG A 293 35.50 9.44 4.41
C ARG A 293 35.88 9.01 3.00
N ALA A 294 36.53 9.91 2.28
CA ALA A 294 36.99 9.62 0.94
C ALA A 294 38.50 9.44 1.02
N PHE A 295 39.17 9.36 -0.12
CA PHE A 295 40.61 9.18 -0.16
C PHE A 295 41.32 10.06 0.87
N GLY A 296 42.25 9.47 1.61
CA GLY A 296 43.00 10.22 2.61
C GLY A 296 42.22 10.48 3.89
N ASP A 297 41.09 9.79 4.05
CA ASP A 297 40.21 9.96 5.20
C ASP A 297 39.67 11.36 5.26
N VAL A 298 39.51 11.97 4.09
CA VAL A 298 38.98 13.31 3.99
C VAL A 298 37.45 13.24 4.15
N PRO A 299 36.88 14.10 5.00
CA PRO A 299 35.43 14.12 5.23
C PRO A 299 34.65 14.46 3.97
N LEU A 300 33.55 13.75 3.74
CA LEU A 300 32.69 14.00 2.58
C LEU A 300 31.28 13.80 3.15
N ASN A 301 30.46 14.85 3.11
CA ASN A 301 29.12 14.76 3.68
C ASN A 301 28.05 15.05 2.65
N LEU A 302 26.84 14.56 2.92
CA LEU A 302 25.70 14.80 2.04
C LEU A 302 24.49 14.89 2.96
N GLU A 303 23.77 16.01 2.89
CA GLU A 303 22.58 16.18 3.70
C GLU A 303 21.41 16.53 2.78
N TYR A 304 20.27 15.91 3.01
CA TYR A 304 19.13 16.17 2.15
C TYR A 304 17.79 16.14 2.85
N LYS A 305 16.78 16.65 2.16
CA LYS A 305 15.43 16.69 2.66
C LYS A 305 14.53 16.24 1.53
N LEU A 306 13.79 15.16 1.76
CA LEU A 306 12.86 14.64 0.76
C LEU A 306 11.45 15.02 1.20
N GLU A 307 10.69 15.67 0.30
CA GLU A 307 9.33 16.07 0.59
C GLU A 307 8.36 15.30 -0.30
N VAL A 308 7.49 14.50 0.31
CA VAL A 308 6.53 13.73 -0.48
C VAL A 308 5.16 13.76 0.18
N TRP A 309 4.14 13.37 -0.59
CA TRP A 309 2.79 13.24 -0.07
C TRP A 309 2.79 11.72 0.06
N ASP A 310 2.91 11.24 1.29
CA ASP A 310 3.04 9.82 1.56
C ASP A 310 2.08 8.83 0.92
N SER A 311 0.78 9.01 1.14
CA SER A 311 -0.19 8.07 0.58
C SER A 311 -0.22 7.99 -0.95
N PRO A 312 -0.31 9.13 -1.64
CA PRO A 312 -0.34 9.05 -3.11
C PRO A 312 0.94 8.41 -3.67
N ASN A 313 2.01 8.42 -2.88
CA ASN A 313 3.30 7.88 -3.32
C ASN A 313 3.21 6.36 -3.58
N SER A 314 2.09 5.75 -3.20
CA SER A 314 1.90 4.31 -3.41
C SER A 314 0.62 3.96 -4.17
N ALA A 315 -0.24 4.96 -4.43
CA ALA A 315 -1.49 4.69 -5.13
C ALA A 315 -1.27 4.03 -6.50
N GLY A 316 -0.31 4.55 -7.26
CA GLY A 316 -0.04 3.99 -8.57
C GLY A 316 0.46 2.55 -8.47
N VAL A 317 1.29 2.30 -7.47
CA VAL A 317 1.84 0.96 -7.23
C VAL A 317 0.70 -0.01 -6.91
N ILE A 318 -0.22 0.44 -6.08
CA ILE A 318 -1.36 -0.39 -5.69
C ILE A 318 -2.22 -0.71 -6.91
N ILE A 319 -2.46 0.30 -7.75
CA ILE A 319 -3.26 0.07 -8.94
C ILE A 319 -2.62 -0.98 -9.84
N ASP A 320 -1.30 -1.01 -9.90
CA ASP A 320 -0.65 -2.03 -10.70
C ASP A 320 -0.77 -3.40 -10.02
N ALA A 321 -0.66 -3.40 -8.69
CA ALA A 321 -0.78 -4.65 -7.93
C ALA A 321 -2.17 -5.25 -8.09
N VAL A 322 -3.18 -4.41 -7.98
CA VAL A 322 -4.57 -4.85 -8.10
C VAL A 322 -4.85 -5.55 -9.43
N ARG A 323 -4.37 -4.99 -10.52
CA ARG A 323 -4.59 -5.57 -11.84
C ARG A 323 -3.76 -6.83 -12.05
N ALA A 324 -2.56 -6.87 -11.49
CA ALA A 324 -1.71 -8.04 -11.61
C ALA A 324 -2.42 -9.19 -10.87
N ALA A 325 -3.00 -8.90 -9.71
CA ALA A 325 -3.71 -9.90 -8.92
C ALA A 325 -4.94 -10.40 -9.68
N LYS A 326 -5.54 -9.49 -10.44
CA LYS A 326 -6.72 -9.81 -11.24
C LYS A 326 -6.36 -10.77 -12.36
N ILE A 327 -5.24 -10.49 -13.02
CA ILE A 327 -4.76 -11.32 -14.11
C ILE A 327 -4.47 -12.74 -13.60
N ALA A 328 -3.77 -12.83 -12.47
CA ALA A 328 -3.46 -14.14 -11.90
C ALA A 328 -4.77 -14.89 -11.63
N LYS A 329 -5.79 -14.18 -11.17
CA LYS A 329 -7.08 -14.79 -10.88
C LYS A 329 -7.77 -15.25 -12.16
N ASP A 330 -7.68 -14.46 -13.23
CA ASP A 330 -8.28 -14.84 -14.50
C ASP A 330 -7.69 -16.17 -14.98
N ARG A 331 -6.42 -16.39 -14.64
CA ARG A 331 -5.72 -17.61 -15.04
C ARG A 331 -5.87 -18.77 -14.07
N GLY A 332 -6.49 -18.50 -12.92
CA GLY A 332 -6.68 -19.53 -11.92
C GLY A 332 -5.38 -19.97 -11.28
N ILE A 333 -4.42 -19.04 -11.19
CA ILE A 333 -3.12 -19.34 -10.58
C ILE A 333 -3.09 -18.78 -9.16
N GLY A 334 -3.05 -19.67 -8.18
CA GLY A 334 -3.04 -19.23 -6.80
C GLY A 334 -1.65 -18.99 -6.22
N GLY A 335 -1.62 -18.61 -4.96
CA GLY A 335 -0.36 -18.34 -4.30
C GLY A 335 0.17 -16.96 -4.61
N PRO A 336 1.36 -16.61 -4.10
CA PRO A 336 1.96 -15.30 -4.35
C PRO A 336 2.27 -15.09 -5.82
N VAL A 337 1.94 -13.92 -6.35
CA VAL A 337 2.25 -13.59 -7.73
C VAL A 337 3.70 -13.10 -7.60
N ILE A 338 4.65 -13.99 -7.87
CA ILE A 338 6.07 -13.69 -7.72
C ILE A 338 6.61 -12.41 -8.36
N PRO A 339 6.49 -12.25 -9.69
CA PRO A 339 7.00 -11.05 -10.36
C PRO A 339 6.41 -9.75 -9.80
N ALA A 340 5.09 -9.74 -9.63
CA ALA A 340 4.39 -8.58 -9.11
C ALA A 340 4.85 -8.22 -7.69
N SER A 341 4.96 -9.23 -6.82
CA SER A 341 5.39 -8.96 -5.45
C SER A 341 6.84 -8.47 -5.39
N ALA A 342 7.71 -9.07 -6.19
CA ALA A 342 9.11 -8.68 -6.21
C ALA A 342 9.28 -7.22 -6.63
N TYR A 343 8.47 -6.78 -7.59
CA TYR A 343 8.58 -5.41 -8.10
C TYR A 343 7.75 -4.34 -7.37
N LEU A 344 6.60 -4.73 -6.82
CA LEU A 344 5.69 -3.79 -6.17
C LEU A 344 5.69 -3.79 -4.63
N MET A 345 6.32 -4.79 -4.01
CA MET A 345 6.32 -4.88 -2.56
C MET A 345 7.72 -4.83 -1.94
N LYS A 346 7.80 -4.34 -0.70
CA LYS A 346 9.07 -4.22 0.02
C LYS A 346 9.53 -5.56 0.59
N SER A 347 8.58 -6.38 1.04
CA SER A 347 8.87 -7.69 1.60
C SER A 347 8.17 -8.77 0.78
N PRO A 348 8.70 -9.07 -0.41
CA PRO A 348 8.14 -10.09 -1.30
C PRO A 348 8.56 -11.49 -0.91
N PRO A 349 7.85 -12.51 -1.43
CA PRO A 349 8.14 -13.92 -1.16
C PRO A 349 9.59 -14.23 -1.54
N GLU A 350 9.99 -13.71 -2.70
CA GLU A 350 11.34 -13.90 -3.21
C GLU A 350 11.94 -12.59 -3.69
N GLN A 351 13.15 -12.31 -3.21
CA GLN A 351 13.88 -11.09 -3.57
C GLN A 351 14.47 -11.17 -4.97
N LEU A 352 14.30 -10.09 -5.73
CA LEU A 352 14.83 -10.01 -7.08
C LEU A 352 15.18 -8.56 -7.39
N PRO A 353 16.27 -8.33 -8.15
CA PRO A 353 16.66 -6.97 -8.50
C PRO A 353 15.46 -6.31 -9.18
N ASP A 354 15.21 -5.04 -8.87
CA ASP A 354 14.08 -4.34 -9.45
C ASP A 354 13.90 -4.49 -10.95
N ASP A 355 14.94 -4.24 -11.73
CA ASP A 355 14.83 -4.34 -13.18
C ASP A 355 14.47 -5.75 -13.65
N ILE A 356 15.04 -6.77 -13.00
CA ILE A 356 14.74 -8.15 -13.37
C ILE A 356 13.29 -8.46 -12.97
N ALA A 357 12.91 -8.01 -11.78
CA ALA A 357 11.56 -8.23 -11.28
C ALA A 357 10.58 -7.52 -12.21
N ARG A 358 11.01 -6.37 -12.72
CA ARG A 358 10.19 -5.56 -13.61
C ARG A 358 9.99 -6.28 -14.93
N ALA A 359 11.08 -6.84 -15.46
CA ALA A 359 11.03 -7.56 -16.73
C ALA A 359 10.17 -8.83 -16.58
N GLN A 360 10.30 -9.50 -15.44
CA GLN A 360 9.51 -10.70 -15.22
C GLN A 360 8.03 -10.34 -15.13
N LEU A 361 7.74 -9.17 -14.56
CA LEU A 361 6.36 -8.73 -14.43
C LEU A 361 5.79 -8.37 -15.79
N GLU A 362 6.62 -7.82 -16.66
CA GLU A 362 6.17 -7.48 -18.01
C GLU A 362 5.81 -8.76 -18.78
N GLU A 363 6.57 -9.82 -18.56
CA GLU A 363 6.29 -11.09 -19.24
C GLU A 363 5.00 -11.70 -18.71
N PHE A 364 4.81 -11.59 -17.41
CA PHE A 364 3.61 -12.10 -16.75
C PHE A 364 2.38 -11.43 -17.37
N ILE A 365 2.46 -10.12 -17.56
CA ILE A 365 1.35 -9.36 -18.13
C ILE A 365 0.96 -9.88 -19.49
N ILE A 366 1.94 -10.05 -20.37
CA ILE A 366 1.67 -10.56 -21.71
C ILE A 366 1.15 -11.99 -21.58
N GLY A 367 1.64 -12.68 -20.55
CA GLY A 367 1.20 -14.04 -20.30
C GLY A 367 1.94 -15.09 -21.11
#